data_1P4V
#
_entry.id   1P4V
#
_cell.length_a   45.877
_cell.length_b   52.369
_cell.length_c   61.741
_cell.angle_alpha   80.92
_cell.angle_beta   90.41
_cell.angle_gamma   105.10
#
_symmetry.space_group_name_H-M   'P 1'
#
loop_
_entity.id
_entity.type
_entity.pdbx_description
1 polymer 'N(4)-(Beta-N-acetylglucosaminyl)-L-asparaginase precursor'
2 non-polymer GLYCINE
3 water water
#
_entity_poly.entity_id   1
_entity_poly.type   'polypeptide(L)'
_entity_poly.pdbx_seq_one_letter_code
;TTNKPIVLSTWNFGLHANVEAWKVLSKGGKALDAVEKGVRLVEDDPTERSVGYGGRPDRDGRVTLDACIMDENYNIGSVA
CMEHIKNPISVARAVMEKTPHVMLVGDGALEFALSQGFKKENLLTAESEKEWKEWLKTSQYKPIVNIENHNTIGMIALDA
QGNLSGACTTSGMAYKMHGRVGDSPIIGAGLFVDNEIGAATATGHGEEVIRTVGTHLVVELMNQGRTPQQACKEAVERIV
KIVNRRGKNLKDIQVGFIALNKKGEYGAYCIQDGFNFAVHDQKGNRLETPGFALK
;
_entity_poly.pdbx_strand_id   A,C
#
# COMPACT_ATOMS: atom_id res chain seq x y z
N THR A 1 -4.80 22.01 -25.90
CA THR A 1 -3.90 21.15 -26.71
C THR A 1 -3.21 20.10 -25.84
N THR A 2 -3.53 18.84 -26.09
CA THR A 2 -2.93 17.75 -25.33
C THR A 2 -1.69 17.24 -26.06
N ASN A 3 -0.62 16.99 -25.32
CA ASN A 3 0.61 16.48 -25.90
C ASN A 3 0.64 14.97 -25.69
N LYS A 4 0.36 14.21 -26.74
CA LYS A 4 0.36 12.74 -26.63
C LYS A 4 0.77 12.13 -27.97
N PRO A 5 1.40 10.94 -27.95
CA PRO A 5 1.73 10.18 -26.74
C PRO A 5 2.96 10.77 -26.05
N ILE A 6 3.16 10.37 -24.80
CA ILE A 6 4.31 10.83 -24.03
C ILE A 6 4.56 9.83 -22.90
N VAL A 7 5.82 9.58 -22.61
CA VAL A 7 6.20 8.66 -21.55
C VAL A 7 7.35 9.23 -20.73
N LEU A 8 7.25 9.06 -19.42
CA LEU A 8 8.29 9.51 -18.49
C LEU A 8 8.74 8.31 -17.69
N SER A 9 10.01 8.26 -17.35
CA SER A 9 10.52 7.18 -16.54
C SER A 9 11.67 7.71 -15.68
N THR A 10 11.87 7.10 -14.53
CA THR A 10 12.88 7.54 -13.59
C THR A 10 14.31 7.16 -13.93
N TRP A 11 15.24 8.05 -13.58
CA TRP A 11 16.68 7.86 -13.77
C TRP A 11 17.21 7.71 -15.21
N ASN A 12 18.54 7.65 -15.33
CA ASN A 12 19.23 7.54 -16.60
C ASN A 12 18.76 6.40 -17.48
N PHE A 13 18.60 5.22 -16.90
CA PHE A 13 18.18 4.08 -17.70
C PHE A 13 16.77 4.28 -18.25
N GLY A 14 16.04 5.24 -17.71
CA GLY A 14 14.70 5.50 -18.18
C GLY A 14 14.73 5.93 -19.63
N LEU A 15 15.90 6.41 -20.06
CA LEU A 15 16.04 6.88 -21.43
C LEU A 15 15.88 5.65 -22.35
N HIS A 16 16.53 4.54 -22.00
CA HIS A 16 16.45 3.29 -22.80
C HIS A 16 15.11 2.63 -22.62
N ALA A 17 14.57 2.72 -21.42
CA ALA A 17 13.27 2.13 -21.16
C ALA A 17 12.27 2.86 -22.02
N ASN A 18 12.43 4.18 -22.12
CA ASN A 18 11.53 5.02 -22.92
C ASN A 18 11.53 4.61 -24.39
N VAL A 19 12.70 4.28 -24.92
CA VAL A 19 12.80 3.87 -26.31
C VAL A 19 11.89 2.67 -26.56
N GLU A 20 11.91 1.71 -25.63
CA GLU A 20 11.08 0.54 -25.80
C GLU A 20 9.59 0.87 -25.69
N ALA A 21 9.25 1.74 -24.76
CA ALA A 21 7.85 2.14 -24.60
C ALA A 21 7.38 2.88 -25.84
N TRP A 22 8.27 3.67 -26.43
CA TRP A 22 7.91 4.44 -27.61
C TRP A 22 7.61 3.53 -28.79
N LYS A 23 8.25 2.36 -28.84
CA LYS A 23 8.00 1.42 -29.94
C LYS A 23 6.53 1.07 -29.95
N VAL A 24 5.92 1.07 -28.76
CA VAL A 24 4.50 0.77 -28.63
C VAL A 24 3.69 2.06 -28.83
N LEU A 25 4.02 3.10 -28.06
CA LEU A 25 3.29 4.37 -28.14
C LEU A 25 3.28 5.02 -29.53
N SER A 26 4.42 5.03 -30.22
CA SER A 26 4.47 5.68 -31.53
C SER A 26 3.65 4.96 -32.58
N LYS A 27 3.24 3.73 -32.28
CA LYS A 27 2.46 2.93 -33.20
C LYS A 27 0.99 2.95 -32.79
N GLY A 28 0.64 3.84 -31.87
CA GLY A 28 -0.73 3.92 -31.41
C GLY A 28 -1.10 2.80 -30.43
N GLY A 29 -0.09 2.14 -29.88
CA GLY A 29 -0.34 1.08 -28.92
C GLY A 29 -0.84 1.59 -27.58
N LYS A 30 -1.29 0.66 -26.74
CA LYS A 30 -1.82 0.97 -25.41
C LYS A 30 -0.76 1.42 -24.41
N ALA A 31 -1.10 2.39 -23.57
CA ALA A 31 -0.16 2.85 -22.55
C ALA A 31 0.26 1.68 -21.67
N LEU A 32 -0.67 0.78 -21.39
CA LEU A 32 -0.39 -0.38 -20.52
C LEU A 32 0.71 -1.25 -21.09
N ASP A 33 0.64 -1.52 -22.40
CA ASP A 33 1.65 -2.34 -23.03
C ASP A 33 2.97 -1.59 -23.08
N ALA A 34 2.90 -0.30 -23.35
CA ALA A 34 4.10 0.53 -23.42
C ALA A 34 4.90 0.54 -22.11
N VAL A 35 4.23 0.78 -20.98
CA VAL A 35 4.94 0.80 -19.72
C VAL A 35 5.46 -0.56 -19.31
N GLU A 36 4.72 -1.63 -19.60
CA GLU A 36 5.19 -2.97 -19.23
C GLU A 36 6.47 -3.27 -20.03
N LYS A 37 6.41 -3.06 -21.33
CA LYS A 37 7.55 -3.29 -22.19
C LYS A 37 8.73 -2.43 -21.75
N GLY A 38 8.45 -1.17 -21.44
CA GLY A 38 9.49 -0.27 -21.02
C GLY A 38 10.27 -0.71 -19.79
N VAL A 39 9.56 -1.06 -18.72
CA VAL A 39 10.26 -1.47 -17.51
C VAL A 39 10.86 -2.88 -17.61
N ARG A 40 10.25 -3.75 -18.42
CA ARG A 40 10.79 -5.11 -18.58
C ARG A 40 12.23 -5.03 -19.10
N LEU A 41 12.53 -4.00 -19.87
CA LEU A 41 13.88 -3.82 -20.41
C LEU A 41 14.89 -3.74 -19.27
N VAL A 42 14.52 -3.03 -18.22
CA VAL A 42 15.38 -2.84 -17.07
C VAL A 42 15.42 -4.10 -16.22
N GLU A 43 14.28 -4.78 -16.10
CA GLU A 43 14.23 -6.01 -15.33
C GLU A 43 15.19 -7.03 -15.95
N ASP A 44 15.20 -7.10 -17.28
CA ASP A 44 16.05 -8.04 -18.00
C ASP A 44 17.54 -7.78 -17.91
N ASP A 45 17.91 -6.51 -17.73
CA ASP A 45 19.31 -6.12 -17.68
C ASP A 45 20.02 -6.40 -16.36
N PRO A 46 20.93 -7.39 -16.34
CA PRO A 46 21.64 -7.71 -15.09
C PRO A 46 22.56 -6.57 -14.61
N THR A 47 22.87 -5.63 -15.50
CA THR A 47 23.73 -4.50 -15.11
C THR A 47 22.93 -3.48 -14.31
N GLU A 48 21.61 -3.56 -14.39
CA GLU A 48 20.75 -2.67 -13.63
C GLU A 48 20.53 -3.35 -12.29
N ARG A 49 21.32 -2.93 -11.31
CA ARG A 49 21.35 -3.51 -9.98
C ARG A 49 20.20 -3.25 -9.02
N SER A 50 19.18 -2.50 -9.43
CA SER A 50 18.07 -2.24 -8.52
C SER A 50 16.73 -2.67 -9.08
N VAL A 51 16.76 -3.39 -10.19
CA VAL A 51 15.53 -3.87 -10.82
C VAL A 51 15.70 -5.27 -11.36
N GLY A 52 14.83 -6.17 -10.91
CA GLY A 52 14.86 -7.55 -11.36
C GLY A 52 16.22 -8.23 -11.40
N TYR A 53 16.48 -8.91 -12.51
CA TYR A 53 17.72 -9.64 -12.71
C TYR A 53 18.95 -8.78 -12.41
N GLY A 54 19.82 -9.29 -11.54
CA GLY A 54 21.02 -8.55 -11.19
C GLY A 54 20.77 -7.62 -10.00
N GLY A 55 19.54 -7.59 -9.50
CA GLY A 55 19.24 -6.72 -8.38
C GLY A 55 19.93 -7.17 -7.11
N ARG A 56 20.38 -6.24 -6.28
CA ARG A 56 21.06 -6.61 -5.04
C ARG A 56 20.08 -7.32 -4.11
N PRO A 57 20.50 -8.46 -3.56
CA PRO A 57 19.64 -9.22 -2.65
C PRO A 57 19.46 -8.60 -1.28
N ASP A 58 18.55 -9.17 -0.49
CA ASP A 58 18.32 -8.70 0.86
C ASP A 58 19.51 -9.23 1.66
N ARG A 59 19.57 -8.93 2.94
CA ARG A 59 20.71 -9.37 3.75
C ARG A 59 20.91 -10.89 3.84
N ASP A 60 19.92 -11.66 3.40
CA ASP A 60 20.07 -13.11 3.46
C ASP A 60 20.47 -13.67 2.10
N GLY A 61 20.85 -12.78 1.19
CA GLY A 61 21.28 -13.22 -0.13
C GLY A 61 20.16 -13.57 -1.09
N ARG A 62 18.94 -13.20 -0.73
CA ARG A 62 17.78 -13.49 -1.56
C ARG A 62 17.34 -12.29 -2.39
N VAL A 63 17.15 -12.51 -3.69
CA VAL A 63 16.68 -11.42 -4.54
C VAL A 63 15.17 -11.47 -4.54
N THR A 64 14.54 -10.50 -3.89
CA THR A 64 13.09 -10.46 -3.83
C THR A 64 12.68 -9.16 -4.47
N LEU A 65 11.78 -9.26 -5.44
CA LEU A 65 11.31 -8.12 -6.21
C LEU A 65 9.89 -7.68 -5.88
N ASP A 66 9.63 -6.39 -6.11
CA ASP A 66 8.33 -5.79 -5.87
C ASP A 66 7.95 -5.05 -7.15
N ALA A 67 6.68 -5.08 -7.51
CA ALA A 67 6.22 -4.38 -8.69
C ALA A 67 4.72 -4.23 -8.72
N CYS A 68 4.25 -3.17 -9.36
CA CYS A 68 2.83 -2.98 -9.53
C CYS A 68 2.61 -2.26 -10.85
N ILE A 69 1.42 -2.43 -11.37
CA ILE A 69 1.06 -1.84 -12.65
C ILE A 69 -0.38 -1.34 -12.49
N MET A 70 -0.72 -0.30 -13.22
CA MET A 70 -2.06 0.28 -13.13
C MET A 70 -2.41 0.78 -14.50
N ASP A 71 -3.59 0.39 -14.98
CA ASP A 71 -3.98 0.83 -16.31
C ASP A 71 -4.89 2.04 -16.30
N GLU A 72 -5.47 2.32 -17.46
CA GLU A 72 -6.32 3.49 -17.65
C GLU A 72 -7.74 3.38 -17.10
N ASN A 73 -8.10 2.23 -16.55
CA ASN A 73 -9.45 2.08 -16.01
C ASN A 73 -9.49 1.48 -14.61
N TYR A 74 -8.64 2.02 -13.74
CA TYR A 74 -8.57 1.60 -12.35
C TYR A 74 -8.25 0.12 -12.11
N ASN A 75 -7.69 -0.55 -13.11
CA ASN A 75 -7.31 -1.95 -12.91
C ASN A 75 -5.88 -1.89 -12.36
N ILE A 76 -5.60 -2.74 -11.37
CA ILE A 76 -4.27 -2.75 -10.75
C ILE A 76 -3.77 -4.16 -10.45
N GLY A 77 -2.45 -4.30 -10.44
CA GLY A 77 -1.85 -5.59 -10.17
C GLY A 77 -0.54 -5.33 -9.46
N SER A 78 -0.24 -6.17 -8.47
CA SER A 78 0.97 -5.98 -7.70
C SER A 78 1.55 -7.27 -7.16
N VAL A 79 2.88 -7.33 -7.08
CA VAL A 79 3.56 -8.47 -6.49
C VAL A 79 4.63 -7.89 -5.59
N ALA A 80 4.86 -8.51 -4.45
CA ALA A 80 5.89 -8.02 -3.56
C ALA A 80 6.65 -9.18 -2.96
N CYS A 81 7.95 -8.96 -2.78
CA CYS A 81 8.84 -9.96 -2.22
C CYS A 81 8.71 -11.29 -2.96
N MET A 82 8.81 -11.22 -4.28
CA MET A 82 8.72 -12.41 -5.12
C MET A 82 10.11 -12.78 -5.59
N GLU A 83 10.46 -14.05 -5.51
CA GLU A 83 11.77 -14.50 -5.92
C GLU A 83 11.71 -15.35 -7.19
N HIS A 84 12.87 -15.47 -7.83
CA HIS A 84 13.05 -16.31 -9.00
C HIS A 84 12.35 -15.96 -10.32
N ILE A 85 11.62 -14.85 -10.36
CA ILE A 85 10.95 -14.45 -11.59
C ILE A 85 11.55 -13.13 -12.05
N LYS A 86 12.19 -13.16 -13.21
CA LYS A 86 12.84 -11.97 -13.74
C LYS A 86 11.93 -10.81 -14.08
N ASN A 87 10.69 -11.07 -14.46
CA ASN A 87 9.79 -9.98 -14.84
C ASN A 87 8.59 -9.81 -13.92
N PRO A 88 8.82 -9.28 -12.70
CA PRO A 88 7.68 -9.11 -11.78
C PRO A 88 6.58 -8.20 -12.31
N ILE A 89 6.93 -7.21 -13.12
CA ILE A 89 5.90 -6.30 -13.65
C ILE A 89 4.86 -7.09 -14.46
N SER A 90 5.31 -8.13 -15.15
CA SER A 90 4.41 -8.93 -15.95
C SER A 90 3.58 -9.87 -15.08
N VAL A 91 4.15 -10.29 -13.95
CA VAL A 91 3.40 -11.16 -13.06
C VAL A 91 2.33 -10.27 -12.44
N ALA A 92 2.71 -9.03 -12.14
CA ALA A 92 1.76 -8.08 -11.55
C ALA A 92 0.60 -7.88 -12.51
N ARG A 93 0.91 -7.76 -13.80
CA ARG A 93 -0.12 -7.58 -14.80
C ARG A 93 -1.04 -8.81 -14.81
N ALA A 94 -0.46 -9.98 -14.62
CA ALA A 94 -1.25 -11.22 -14.58
C ALA A 94 -2.15 -11.20 -13.34
N VAL A 95 -1.62 -10.72 -12.21
CA VAL A 95 -2.43 -10.64 -10.98
C VAL A 95 -3.64 -9.77 -11.29
N MET A 96 -3.39 -8.66 -11.97
CA MET A 96 -4.46 -7.74 -12.34
C MET A 96 -5.51 -8.37 -13.27
N GLU A 97 -5.05 -8.94 -14.37
CA GLU A 97 -5.96 -9.51 -15.36
C GLU A 97 -6.51 -10.91 -15.12
N LYS A 98 -5.78 -11.73 -14.35
CA LYS A 98 -6.18 -13.11 -14.17
C LYS A 98 -6.71 -13.55 -12.82
N THR A 99 -6.76 -12.64 -11.86
CA THR A 99 -7.23 -13.01 -10.53
C THR A 99 -8.22 -12.00 -9.98
N PRO A 100 -8.91 -12.37 -8.90
CA PRO A 100 -9.90 -11.51 -8.23
C PRO A 100 -9.17 -10.63 -7.21
N HIS A 101 -7.84 -10.74 -7.16
CA HIS A 101 -7.03 -9.96 -6.21
C HIS A 101 -6.18 -8.91 -6.90
N VAL A 102 -5.58 -8.01 -6.13
CA VAL A 102 -4.73 -6.99 -6.73
C VAL A 102 -3.30 -7.08 -6.23
N MET A 103 -3.07 -7.91 -5.21
CA MET A 103 -1.72 -8.04 -4.68
C MET A 103 -1.43 -9.42 -4.10
N LEU A 104 -0.33 -9.99 -4.55
CA LEU A 104 0.12 -11.31 -4.07
C LEU A 104 1.58 -11.10 -3.63
N VAL A 105 1.97 -11.74 -2.55
CA VAL A 105 3.33 -11.59 -2.07
C VAL A 105 3.98 -12.93 -1.74
N GLY A 106 5.31 -12.91 -1.63
CA GLY A 106 6.08 -14.09 -1.28
C GLY A 106 5.86 -15.34 -2.10
N ASP A 107 5.88 -16.50 -1.43
CA ASP A 107 5.69 -17.77 -2.11
C ASP A 107 4.45 -17.79 -3.00
N GLY A 108 3.36 -17.22 -2.50
CA GLY A 108 2.12 -17.18 -3.27
C GLY A 108 2.25 -16.46 -4.60
N ALA A 109 3.05 -15.41 -4.62
CA ALA A 109 3.26 -14.66 -5.85
C ALA A 109 4.03 -15.54 -6.83
N LEU A 110 5.05 -16.23 -6.33
CA LEU A 110 5.85 -17.12 -7.18
C LEU A 110 5.00 -18.26 -7.71
N GLU A 111 4.21 -18.88 -6.84
CA GLU A 111 3.36 -19.98 -7.25
C GLU A 111 2.40 -19.54 -8.35
N PHE A 112 1.85 -18.33 -8.21
CA PHE A 112 0.94 -17.84 -9.23
C PHE A 112 1.73 -17.62 -10.52
N ALA A 113 2.88 -16.96 -10.41
CA ALA A 113 3.70 -16.71 -11.58
C ALA A 113 3.96 -18.01 -12.35
N LEU A 114 4.37 -19.06 -11.63
CA LEU A 114 4.65 -20.34 -12.28
C LEU A 114 3.40 -20.91 -12.96
N SER A 115 2.25 -20.74 -12.32
CA SER A 115 0.98 -21.23 -12.87
C SER A 115 0.64 -20.50 -14.16
N GLN A 116 1.21 -19.31 -14.32
CA GLN A 116 0.97 -18.50 -15.51
C GLN A 116 2.02 -18.74 -16.59
N GLY A 117 2.92 -19.67 -16.34
CA GLY A 117 3.95 -19.99 -17.32
C GLY A 117 5.26 -19.24 -17.20
N PHE A 118 5.41 -18.41 -16.15
CA PHE A 118 6.66 -17.68 -15.98
C PHE A 118 7.70 -18.72 -15.56
N LYS A 119 8.95 -18.50 -15.96
CA LYS A 119 10.01 -19.42 -15.66
C LYS A 119 10.83 -19.04 -14.44
N LYS A 120 11.09 -20.03 -13.59
CA LYS A 120 11.88 -19.83 -12.39
C LYS A 120 13.32 -19.68 -12.86
N GLU A 121 13.98 -18.61 -12.43
CA GLU A 121 15.36 -18.35 -12.83
C GLU A 121 16.18 -17.84 -11.66
N ASN A 122 17.48 -18.04 -11.72
CA ASN A 122 18.37 -17.57 -10.66
C ASN A 122 18.63 -16.10 -10.95
N LEU A 123 18.11 -15.23 -10.11
CA LEU A 123 18.27 -13.79 -10.30
C LEU A 123 19.52 -13.22 -9.64
N LEU A 124 20.18 -14.04 -8.82
CA LEU A 124 21.39 -13.60 -8.14
C LEU A 124 22.60 -13.77 -9.05
N THR A 125 23.10 -12.66 -9.57
CA THR A 125 24.27 -12.69 -10.45
C THR A 125 25.52 -12.97 -9.65
N ALA A 126 26.59 -13.40 -10.31
CA ALA A 126 27.83 -13.68 -9.60
C ALA A 126 28.26 -12.38 -8.90
N GLU A 127 28.11 -11.27 -9.61
CA GLU A 127 28.46 -9.96 -9.10
C GLU A 127 27.69 -9.61 -7.82
N SER A 128 26.38 -9.85 -7.83
CA SER A 128 25.58 -9.56 -6.66
C SER A 128 25.95 -10.46 -5.49
N GLU A 129 26.16 -11.74 -5.77
CA GLU A 129 26.54 -12.66 -4.72
C GLU A 129 27.84 -12.20 -4.08
N LYS A 130 28.81 -11.84 -4.92
CA LYS A 130 30.11 -11.38 -4.42
C LYS A 130 29.97 -10.15 -3.52
N GLU A 131 29.29 -9.14 -4.03
CA GLU A 131 29.06 -7.91 -3.28
C GLU A 131 28.34 -8.21 -1.97
N TRP A 132 27.39 -9.14 -2.01
CA TRP A 132 26.65 -9.49 -0.81
C TRP A 132 27.54 -10.12 0.26
N LYS A 133 28.27 -11.17 -0.11
CA LYS A 133 29.15 -11.82 0.85
C LYS A 133 30.14 -10.80 1.41
N GLU A 134 30.55 -9.85 0.57
CA GLU A 134 31.48 -8.81 0.98
C GLU A 134 30.80 -7.88 1.98
N TRP A 135 29.54 -7.54 1.71
CA TRP A 135 28.78 -6.66 2.60
C TRP A 135 28.57 -7.32 3.96
N LEU A 136 28.43 -8.64 3.96
CA LEU A 136 28.20 -9.40 5.19
C LEU A 136 29.29 -9.23 6.24
N LYS A 137 30.49 -8.87 5.81
CA LYS A 137 31.60 -8.69 6.73
C LYS A 137 31.36 -7.54 7.70
N THR A 138 30.58 -6.55 7.26
CA THR A 138 30.27 -5.38 8.08
C THR A 138 28.81 -5.40 8.54
N SER A 139 27.90 -5.69 7.61
CA SER A 139 26.47 -5.75 7.90
C SER A 139 25.91 -4.42 8.39
N GLN A 140 26.44 -3.32 7.86
CA GLN A 140 25.96 -2.00 8.21
C GLN A 140 24.92 -1.56 7.18
N TYR A 141 23.68 -1.40 7.63
CA TYR A 141 22.60 -1.01 6.74
C TYR A 141 22.52 0.51 6.57
N LYS A 142 22.74 0.99 5.35
CA LYS A 142 22.69 2.44 5.09
C LYS A 142 22.31 2.76 3.63
N PRO A 143 21.02 2.65 3.27
CA PRO A 143 20.53 2.94 1.92
C PRO A 143 20.75 4.37 1.40
N ILE A 144 21.28 4.43 0.20
CA ILE A 144 21.57 5.70 -0.50
C ILE A 144 20.81 5.84 -1.85
N VAL A 145 20.12 6.95 -2.10
CA VAL A 145 19.41 7.07 -3.38
C VAL A 145 20.05 8.09 -4.33
N ASN A 146 21.00 7.64 -5.13
CA ASN A 146 21.66 8.52 -6.10
C ASN A 146 21.64 7.95 -7.51
N ILE A 147 22.15 8.71 -8.48
CA ILE A 147 22.18 8.32 -9.88
C ILE A 147 22.77 6.93 -10.18
N GLU A 148 23.46 6.34 -9.21
CA GLU A 148 24.06 5.03 -9.39
C GLU A 148 23.80 4.14 -8.18
N ASN A 149 22.65 4.31 -7.54
CA ASN A 149 22.30 3.52 -6.35
C ASN A 149 20.80 3.48 -6.05
N HIS A 150 20.28 2.26 -5.94
CA HIS A 150 18.86 2.06 -5.67
C HIS A 150 18.04 2.80 -6.71
N ASN A 151 18.44 2.64 -7.96
CA ASN A 151 17.75 3.27 -9.08
C ASN A 151 16.54 2.46 -9.53
N THR A 152 15.47 2.50 -8.76
CA THR A 152 14.25 1.78 -9.12
C THR A 152 13.67 2.44 -10.36
N ILE A 153 13.00 1.69 -11.23
CA ILE A 153 12.39 2.34 -12.38
C ILE A 153 10.88 2.40 -12.28
N GLY A 154 10.36 3.59 -12.48
CA GLY A 154 8.92 3.82 -12.46
C GLY A 154 8.67 4.47 -13.80
N MET A 155 7.57 4.11 -14.45
CA MET A 155 7.26 4.66 -15.75
C MET A 155 5.78 4.95 -15.86
N ILE A 156 5.44 6.10 -16.44
CA ILE A 156 4.06 6.50 -16.63
C ILE A 156 3.96 7.03 -18.06
N ALA A 157 2.84 6.74 -18.71
CA ALA A 157 2.67 7.18 -20.07
C ALA A 157 1.24 7.53 -20.41
N LEU A 158 1.09 8.35 -21.44
CA LEU A 158 -0.19 8.78 -21.96
C LEU A 158 -0.11 8.33 -23.41
N ASP A 159 -1.05 7.49 -23.84
CA ASP A 159 -0.98 7.01 -25.22
C ASP A 159 -1.80 7.82 -26.22
N ALA A 160 -1.79 7.38 -27.47
CA ALA A 160 -2.50 8.08 -28.54
C ALA A 160 -4.00 8.26 -28.27
N GLN A 161 -4.60 7.36 -27.50
CA GLN A 161 -6.03 7.43 -27.17
C GLN A 161 -6.25 8.38 -25.99
N GLY A 162 -5.16 8.92 -25.45
CA GLY A 162 -5.28 9.82 -24.33
C GLY A 162 -5.48 9.05 -23.02
N ASN A 163 -5.07 7.78 -23.00
CA ASN A 163 -5.19 6.95 -21.81
C ASN A 163 -3.86 6.89 -21.07
N LEU A 164 -3.94 6.83 -19.74
CA LEU A 164 -2.78 6.77 -18.89
C LEU A 164 -2.58 5.38 -18.30
N SER A 165 -1.31 5.05 -18.00
CA SER A 165 -0.97 3.77 -17.39
C SER A 165 0.41 3.93 -16.79
N GLY A 166 0.75 3.06 -15.85
CA GLY A 166 2.05 3.16 -15.22
C GLY A 166 2.53 1.83 -14.71
N ALA A 167 3.84 1.74 -14.50
CA ALA A 167 4.46 0.52 -14.03
C ALA A 167 5.64 0.91 -13.14
N CYS A 168 5.86 0.11 -12.10
CA CYS A 168 6.96 0.35 -11.17
C CYS A 168 7.51 -1.02 -10.79
N THR A 169 8.83 -1.17 -10.90
CA THR A 169 9.45 -2.44 -10.57
C THR A 169 10.81 -2.18 -9.93
N THR A 170 11.12 -2.94 -8.88
CA THR A 170 12.36 -2.75 -8.14
C THR A 170 12.83 -4.04 -7.49
N SER A 171 14.08 -4.02 -7.02
CA SER A 171 14.62 -5.16 -6.30
C SER A 171 14.67 -4.70 -4.84
N GLY A 172 14.23 -3.47 -4.62
CA GLY A 172 14.20 -2.92 -3.27
C GLY A 172 15.55 -2.49 -2.72
N MET A 173 15.56 -2.05 -1.46
CA MET A 173 16.81 -1.61 -0.86
C MET A 173 17.76 -2.79 -0.70
N ALA A 174 18.99 -2.60 -1.18
CA ALA A 174 19.99 -3.65 -1.09
C ALA A 174 20.23 -4.04 0.37
N TYR A 175 20.28 -5.33 0.63
CA TYR A 175 20.55 -5.86 1.96
C TYR A 175 19.47 -5.55 3.00
N LYS A 176 18.25 -5.34 2.50
CA LYS A 176 17.09 -5.06 3.35
C LYS A 176 16.84 -6.34 4.17
N MET A 177 16.01 -6.25 5.20
CA MET A 177 15.68 -7.42 6.00
C MET A 177 14.86 -8.31 5.07
N HIS A 178 14.93 -9.62 5.26
CA HIS A 178 14.17 -10.50 4.40
C HIS A 178 12.68 -10.17 4.57
N GLY A 179 11.97 -10.07 3.45
CA GLY A 179 10.56 -9.76 3.51
C GLY A 179 10.24 -8.28 3.49
N ARG A 180 11.25 -7.42 3.46
CA ARG A 180 11.00 -5.99 3.44
C ARG A 180 10.35 -5.58 2.13
N VAL A 181 9.27 -4.82 2.24
CA VAL A 181 8.55 -4.33 1.06
C VAL A 181 8.61 -2.82 1.05
N GLY A 182 8.99 -2.26 -0.10
CA GLY A 182 9.06 -0.82 -0.25
C GLY A 182 7.79 -0.24 -0.84
N ASP A 183 7.93 0.94 -1.44
CA ASP A 183 6.80 1.65 -2.03
C ASP A 183 6.40 1.17 -3.42
N SER A 184 7.34 0.57 -4.13
CA SER A 184 7.12 0.11 -5.50
C SER A 184 5.89 -0.74 -5.84
N PRO A 185 5.46 -1.63 -4.92
CA PRO A 185 4.28 -2.44 -5.25
C PRO A 185 3.00 -1.90 -4.62
N ILE A 186 3.13 -0.78 -3.90
CA ILE A 186 2.00 -0.18 -3.21
C ILE A 186 1.30 0.93 -3.99
N ILE A 187 0.04 0.67 -4.36
CA ILE A 187 -0.77 1.61 -5.11
C ILE A 187 -0.99 2.86 -4.26
N GLY A 188 -0.60 4.01 -4.82
CA GLY A 188 -0.73 5.26 -4.09
C GLY A 188 0.60 5.67 -3.50
N ALA A 189 1.54 4.73 -3.40
CA ALA A 189 2.85 5.03 -2.87
C ALA A 189 3.80 5.18 -4.05
N GLY A 190 4.36 4.06 -4.52
CA GLY A 190 5.26 4.12 -5.64
C GLY A 190 4.60 4.50 -6.96
N LEU A 191 3.31 4.21 -7.09
CA LEU A 191 2.60 4.49 -8.33
C LEU A 191 1.10 4.71 -8.16
N PHE A 192 0.55 5.65 -8.93
CA PHE A 192 -0.89 5.87 -8.92
C PHE A 192 -1.29 6.50 -10.25
N VAL A 193 -2.38 5.98 -10.82
CA VAL A 193 -2.90 6.45 -12.09
C VAL A 193 -4.40 6.67 -12.00
N ASP A 194 -4.86 7.83 -12.44
CA ASP A 194 -6.28 8.11 -12.48
C ASP A 194 -6.48 8.68 -13.87
N ASN A 195 -7.14 7.93 -14.73
CA ASN A 195 -7.32 8.35 -16.12
C ASN A 195 -8.02 9.68 -16.34
N GLU A 196 -8.75 10.17 -15.34
CA GLU A 196 -9.42 11.46 -15.49
C GLU A 196 -8.54 12.60 -15.02
N ILE A 197 -7.43 12.25 -14.36
CA ILE A 197 -6.55 13.27 -13.80
C ILE A 197 -5.11 13.26 -14.27
N GLY A 198 -4.42 12.16 -13.96
CA GLY A 198 -3.04 12.04 -14.34
C GLY A 198 -2.43 10.83 -13.67
N ALA A 199 -1.11 10.75 -13.74
CA ALA A 199 -0.39 9.63 -13.15
C ALA A 199 0.90 10.14 -12.53
N ALA A 200 1.41 9.39 -11.57
CA ALA A 200 2.65 9.77 -10.91
C ALA A 200 3.34 8.51 -10.41
N THR A 201 4.68 8.53 -10.41
CA THR A 201 5.43 7.41 -9.91
C THR A 201 6.57 8.02 -9.10
N ALA A 202 7.05 7.31 -8.09
CA ALA A 202 8.07 7.85 -7.21
C ALA A 202 9.50 7.35 -7.33
N THR A 203 10.38 8.08 -6.64
CA THR A 203 11.80 7.76 -6.59
C THR A 203 12.21 8.06 -5.15
N GLY A 204 13.19 7.32 -4.65
CA GLY A 204 13.63 7.56 -3.30
C GLY A 204 13.37 6.45 -2.32
N HIS A 205 13.75 6.70 -1.08
CA HIS A 205 13.58 5.74 0.00
C HIS A 205 12.12 5.31 0.14
N GLY A 206 11.88 4.06 -0.22
CA GLY A 206 10.53 3.50 -0.18
C GLY A 206 9.72 3.74 1.06
N GLU A 207 10.35 3.57 2.22
CA GLU A 207 9.68 3.77 3.49
C GLU A 207 9.04 5.16 3.61
N GLU A 208 9.72 6.17 3.05
CA GLU A 208 9.22 7.54 3.10
C GLU A 208 8.08 7.80 2.14
N VAL A 209 8.11 7.13 1.00
CA VAL A 209 7.04 7.29 0.01
C VAL A 209 5.78 6.59 0.53
N ILE A 210 5.96 5.46 1.21
CA ILE A 210 4.82 4.73 1.78
C ILE A 210 4.19 5.62 2.86
N ARG A 211 5.06 6.12 3.74
CA ARG A 211 4.66 6.97 4.86
C ARG A 211 3.76 8.14 4.44
N THR A 212 4.05 8.72 3.29
CA THR A 212 3.29 9.86 2.82
C THR A 212 2.32 9.56 1.69
N VAL A 213 2.23 8.29 1.29
CA VAL A 213 1.33 7.88 0.23
C VAL A 213 1.55 8.87 -0.92
N GLY A 214 2.84 9.06 -1.20
CA GLY A 214 3.31 9.99 -2.22
C GLY A 214 2.61 10.19 -3.55
N THR A 215 2.47 9.14 -4.35
CA THR A 215 1.85 9.30 -5.65
C THR A 215 0.35 9.59 -5.60
N HIS A 216 -0.36 9.04 -4.63
CA HIS A 216 -1.78 9.35 -4.55
C HIS A 216 -1.89 10.84 -4.25
N LEU A 217 -1.03 11.33 -3.38
CA LEU A 217 -1.03 12.74 -3.02
C LEU A 217 -0.79 13.59 -4.26
N VAL A 218 0.22 13.24 -5.05
CA VAL A 218 0.54 14.00 -6.26
C VAL A 218 -0.64 14.06 -7.21
N VAL A 219 -1.24 12.90 -7.48
CA VAL A 219 -2.38 12.86 -8.38
C VAL A 219 -3.57 13.63 -7.81
N GLU A 220 -3.80 13.51 -6.51
CA GLU A 220 -4.91 14.22 -5.87
C GLU A 220 -4.68 15.72 -5.97
N LEU A 221 -3.41 16.14 -5.87
CA LEU A 221 -3.10 17.56 -5.96
C LEU A 221 -3.40 18.01 -7.39
N MET A 222 -3.04 17.17 -8.37
CA MET A 222 -3.36 17.51 -9.75
C MET A 222 -4.87 17.56 -9.89
N ASN A 223 -5.57 16.71 -9.16
CA ASN A 223 -7.03 16.70 -9.22
C ASN A 223 -7.57 18.00 -8.65
N GLN A 224 -6.85 18.59 -7.69
CA GLN A 224 -7.28 19.85 -7.10
C GLN A 224 -6.86 21.06 -7.92
N GLY A 225 -6.48 20.83 -9.19
CA GLY A 225 -6.11 21.93 -10.05
C GLY A 225 -4.64 22.25 -10.23
N ARG A 226 -3.76 21.55 -9.51
CA ARG A 226 -2.33 21.81 -9.63
C ARG A 226 -1.79 21.20 -10.92
N THR A 227 -0.75 21.80 -11.48
CA THR A 227 -0.13 21.26 -12.68
C THR A 227 0.75 20.11 -12.16
N PRO A 228 1.27 19.25 -13.04
CA PRO A 228 2.12 18.13 -12.63
C PRO A 228 3.34 18.59 -11.84
N GLN A 229 3.96 19.67 -12.32
CA GLN A 229 5.13 20.23 -11.67
C GLN A 229 4.83 20.69 -10.25
N GLN A 230 3.74 21.42 -10.11
CA GLN A 230 3.31 21.96 -8.82
C GLN A 230 2.93 20.84 -7.85
N ALA A 231 2.26 19.84 -8.37
CA ALA A 231 1.82 18.70 -7.57
C ALA A 231 3.02 17.96 -6.99
N CYS A 232 4.01 17.68 -7.82
CA CYS A 232 5.21 17.00 -7.36
C CYS A 232 5.92 17.86 -6.32
N LYS A 233 5.93 19.18 -6.55
CA LYS A 233 6.58 20.11 -5.63
C LYS A 233 5.78 20.29 -4.34
N GLU A 234 4.49 20.56 -4.47
CA GLU A 234 3.66 20.76 -3.29
C GLU A 234 3.64 19.50 -2.45
N ALA A 235 3.72 18.35 -3.11
CA ALA A 235 3.74 17.07 -2.40
C ALA A 235 5.03 17.01 -1.61
N VAL A 236 6.15 17.21 -2.31
CA VAL A 236 7.48 17.18 -1.68
C VAL A 236 7.53 18.18 -0.53
N GLU A 237 6.96 19.36 -0.72
CA GLU A 237 6.96 20.36 0.34
C GLU A 237 6.18 19.87 1.56
N ARG A 238 5.01 19.27 1.34
CA ARG A 238 4.25 18.74 2.46
C ARG A 238 5.09 17.67 3.14
N ILE A 239 5.77 16.87 2.35
CA ILE A 239 6.62 15.80 2.87
C ILE A 239 7.82 16.30 3.65
N VAL A 240 8.41 17.40 3.20
CA VAL A 240 9.57 17.98 3.89
C VAL A 240 9.10 18.36 5.29
N LYS A 241 7.90 18.94 5.34
CA LYS A 241 7.26 19.36 6.59
C LYS A 241 7.10 18.18 7.53
N ILE A 242 6.74 17.02 6.98
CA ILE A 242 6.55 15.80 7.74
C ILE A 242 7.90 15.28 8.25
N VAL A 243 8.90 15.28 7.38
CA VAL A 243 10.23 14.84 7.77
C VAL A 243 10.75 15.66 8.97
N ASN A 244 10.49 16.96 8.95
CA ASN A 244 10.91 17.83 10.04
C ASN A 244 10.15 17.46 11.31
N ARG A 245 8.85 17.22 11.16
CA ARG A 245 7.99 16.86 12.28
C ARG A 245 8.49 15.60 12.96
N ARG A 246 9.13 14.74 12.19
CA ARG A 246 9.65 13.49 12.72
C ARG A 246 11.06 13.62 13.28
N GLY A 247 11.58 14.83 13.28
CA GLY A 247 12.92 15.07 13.80
C GLY A 247 14.02 14.39 13.03
N LYS A 248 13.82 14.22 11.72
CA LYS A 248 14.82 13.59 10.89
C LYS A 248 15.56 14.67 10.09
N ASN A 249 16.76 14.34 9.61
CA ASN A 249 17.53 15.28 8.83
C ASN A 249 17.22 15.06 7.36
N LEU A 250 16.79 16.12 6.70
CA LEU A 250 16.42 16.06 5.28
C LEU A 250 17.51 15.46 4.39
N LYS A 251 18.77 15.70 4.73
CA LYS A 251 19.87 15.18 3.93
C LYS A 251 19.87 13.66 3.84
N ASP A 252 19.26 13.00 4.81
CA ASP A 252 19.23 11.54 4.83
C ASP A 252 18.04 10.95 4.10
N ILE A 253 17.12 11.81 3.69
CA ILE A 253 15.92 11.37 3.01
C ILE A 253 15.72 11.95 1.62
N GLN A 254 15.56 11.06 0.64
CA GLN A 254 15.30 11.48 -0.72
C GLN A 254 13.89 10.98 -1.09
N VAL A 255 13.06 11.92 -1.51
CA VAL A 255 11.70 11.63 -1.94
C VAL A 255 11.42 12.54 -3.11
N GLY A 256 11.10 11.94 -4.25
CA GLY A 256 10.82 12.70 -5.46
C GLY A 256 9.73 12.04 -6.26
N PHE A 257 9.26 12.71 -7.31
CA PHE A 257 8.19 12.19 -8.13
C PHE A 257 8.22 12.74 -9.54
N ILE A 258 7.65 12.00 -10.47
CA ILE A 258 7.50 12.47 -11.83
C ILE A 258 6.02 12.29 -12.05
N ALA A 259 5.42 13.24 -12.76
CA ALA A 259 3.98 13.19 -12.97
C ALA A 259 3.58 13.59 -14.37
N LEU A 260 2.38 13.21 -14.75
CA LEU A 260 1.87 13.47 -16.07
C LEU A 260 0.35 13.68 -15.92
N ASN A 261 -0.22 14.65 -16.60
CA ASN A 261 -1.67 14.80 -16.51
C ASN A 261 -2.31 14.37 -17.81
N LYS A 262 -3.64 14.42 -17.84
CA LYS A 262 -4.41 14.01 -19.00
C LYS A 262 -4.05 14.78 -20.27
N LYS A 263 -3.49 15.98 -20.12
CA LYS A 263 -3.12 16.81 -21.27
C LYS A 263 -1.70 16.59 -21.76
N GLY A 264 -0.99 15.64 -21.16
CA GLY A 264 0.36 15.38 -21.59
C GLY A 264 1.38 16.33 -20.98
N GLU A 265 0.94 17.18 -20.06
CA GLU A 265 1.88 18.08 -19.39
C GLU A 265 2.54 17.19 -18.35
N TYR A 266 3.79 17.48 -18.02
CA TYR A 266 4.49 16.65 -17.07
C TYR A 266 5.29 17.50 -16.10
N GLY A 267 5.75 16.88 -15.01
CA GLY A 267 6.53 17.59 -14.04
C GLY A 267 7.29 16.63 -13.16
N ALA A 268 8.19 17.16 -12.35
CA ALA A 268 8.99 16.35 -11.45
C ALA A 268 9.61 17.23 -10.37
N TYR A 269 9.83 16.63 -9.21
CA TYR A 269 10.42 17.35 -8.11
C TYR A 269 10.95 16.37 -7.10
N CYS A 270 11.96 16.79 -6.35
CA CYS A 270 12.55 15.95 -5.32
C CYS A 270 12.99 16.76 -4.12
N ILE A 271 13.24 16.07 -3.03
CA ILE A 271 13.71 16.73 -1.83
C ILE A 271 15.14 17.18 -2.12
N GLN A 272 15.93 16.28 -2.70
CA GLN A 272 17.33 16.56 -3.00
C GLN A 272 17.65 16.57 -4.50
N ASP A 273 18.74 17.26 -4.84
CA ASP A 273 19.21 17.38 -6.21
C ASP A 273 19.91 16.10 -6.61
N GLY A 274 20.17 15.94 -7.89
CA GLY A 274 20.86 14.74 -8.36
C GLY A 274 19.99 13.72 -9.07
N PHE A 275 18.67 13.86 -8.97
CA PHE A 275 17.78 12.92 -9.63
C PHE A 275 17.54 13.40 -11.05
N ASN A 276 17.27 12.46 -11.95
CA ASN A 276 16.97 12.83 -13.33
C ASN A 276 15.91 11.86 -13.83
N PHE A 277 15.16 12.29 -14.84
CA PHE A 277 14.13 11.45 -15.40
C PHE A 277 14.14 11.58 -16.91
N ALA A 278 13.67 10.55 -17.60
CA ALA A 278 13.65 10.57 -19.05
C ALA A 278 12.24 10.89 -19.54
N VAL A 279 12.16 11.78 -20.52
CA VAL A 279 10.87 12.17 -21.10
C VAL A 279 10.94 11.93 -22.60
N HIS A 280 9.94 11.23 -23.13
CA HIS A 280 9.90 10.96 -24.57
C HIS A 280 8.54 11.34 -25.12
N ASP A 281 8.53 12.26 -26.09
CA ASP A 281 7.30 12.66 -26.75
C ASP A 281 7.68 12.96 -28.20
N GLN A 282 6.86 13.71 -28.91
CA GLN A 282 7.17 14.00 -30.30
C GLN A 282 8.46 14.81 -30.48
N LYS A 283 8.98 15.36 -29.40
CA LYS A 283 10.25 16.11 -29.48
C LYS A 283 11.41 15.16 -29.32
N GLY A 284 11.10 13.89 -29.06
CA GLY A 284 12.15 12.92 -28.90
C GLY A 284 12.33 12.57 -27.44
N ASN A 285 13.38 11.82 -27.18
CA ASN A 285 13.72 11.31 -25.86
C ASN A 285 14.89 12.10 -25.25
N ARG A 286 14.75 12.53 -24.00
CA ARG A 286 15.83 13.26 -23.34
C ARG A 286 15.79 13.12 -21.84
N LEU A 287 16.91 13.44 -21.19
CA LEU A 287 17.01 13.36 -19.74
C LEU A 287 16.86 14.75 -19.18
N GLU A 288 15.92 14.93 -18.27
CA GLU A 288 15.72 16.25 -17.67
C GLU A 288 15.94 16.19 -16.17
N THR A 289 16.18 17.35 -15.58
CA THR A 289 16.43 17.44 -14.14
C THR A 289 15.37 18.31 -13.47
N PRO A 290 14.68 17.76 -12.46
CA PRO A 290 13.61 18.36 -11.65
C PRO A 290 14.12 19.42 -10.67
N GLY A 291 13.19 20.21 -10.14
CA GLY A 291 13.57 21.19 -9.14
C GLY A 291 13.73 20.38 -7.88
N PHE A 292 14.31 20.96 -6.84
CA PHE A 292 14.51 20.23 -5.59
C PHE A 292 14.38 21.18 -4.40
N ALA A 293 13.90 20.66 -3.28
CA ALA A 293 13.69 21.46 -2.07
C ALA A 293 14.94 21.80 -1.27
N LEU A 294 15.76 20.80 -1.00
CA LEU A 294 16.97 20.99 -0.21
C LEU A 294 18.00 21.81 -0.96
N LYS A 295 18.00 23.12 -0.69
CA LYS A 295 18.93 24.05 -1.33
C LYS A 295 20.22 24.16 -0.54
N THR B 1 -14.53 23.25 21.72
CA THR B 1 -15.08 21.89 21.95
C THR B 1 -14.30 20.81 21.23
N THR B 2 -13.71 19.90 22.01
CA THR B 2 -12.96 18.78 21.46
C THR B 2 -13.43 17.54 22.20
N ASN B 3 -14.00 16.58 21.46
CA ASN B 3 -14.47 15.36 22.06
C ASN B 3 -13.31 14.39 22.16
N LYS B 4 -12.66 14.37 23.32
CA LYS B 4 -11.54 13.45 23.54
C LYS B 4 -11.47 13.09 25.01
N PRO B 5 -11.03 11.87 25.32
CA PRO B 5 -10.60 10.89 24.32
C PRO B 5 -11.82 10.25 23.63
N ILE B 6 -11.59 9.64 22.48
CA ILE B 6 -12.66 8.99 21.72
C ILE B 6 -12.05 7.91 20.85
N VAL B 7 -12.76 6.79 20.72
CA VAL B 7 -12.29 5.70 19.88
C VAL B 7 -13.42 5.13 19.05
N LEU B 8 -13.12 4.83 17.79
CA LEU B 8 -14.10 4.24 16.89
C LEU B 8 -13.50 2.96 16.33
N SER B 9 -14.33 1.95 16.11
CA SER B 9 -13.85 0.71 15.53
C SER B 9 -14.95 0.16 14.63
N THR B 10 -14.53 -0.63 13.66
CA THR B 10 -15.44 -1.21 12.67
C THR B 10 -16.22 -2.43 13.15
N TRP B 11 -17.47 -2.50 12.71
CA TRP B 11 -18.37 -3.62 13.04
C TRP B 11 -18.80 -3.77 14.49
N ASN B 12 -19.76 -4.68 14.71
CA ASN B 12 -20.29 -4.91 16.04
C ASN B 12 -19.27 -5.31 17.12
N PHE B 13 -18.27 -6.12 16.78
CA PHE B 13 -17.27 -6.51 17.79
C PHE B 13 -16.41 -5.31 18.21
N GLY B 14 -16.56 -4.20 17.50
CA GLY B 14 -15.81 -3.01 17.82
C GLY B 14 -16.32 -2.45 19.14
N LEU B 15 -17.50 -2.90 19.54
CA LEU B 15 -18.08 -2.43 20.78
C LEU B 15 -17.23 -2.91 21.97
N HIS B 16 -16.98 -4.22 22.09
CA HIS B 16 -16.16 -4.66 23.20
C HIS B 16 -14.69 -4.37 22.97
N ALA B 17 -14.27 -4.24 21.70
CA ALA B 17 -12.88 -3.89 21.42
C ALA B 17 -12.70 -2.49 21.99
N ASN B 18 -13.70 -1.63 21.81
CA ASN B 18 -13.64 -0.26 22.32
C ASN B 18 -13.48 -0.23 23.84
N VAL B 19 -14.16 -1.14 24.53
CA VAL B 19 -14.05 -1.20 25.98
C VAL B 19 -12.59 -1.36 26.39
N GLU B 20 -11.86 -2.21 25.68
CA GLU B 20 -10.45 -2.43 25.98
C GLU B 20 -9.63 -1.18 25.71
N ALA B 21 -9.89 -0.53 24.58
CA ALA B 21 -9.18 0.68 24.21
C ALA B 21 -9.44 1.78 25.22
N TRP B 22 -10.66 1.81 25.74
CA TRP B 22 -11.06 2.82 26.71
C TRP B 22 -10.32 2.66 28.03
N LYS B 23 -9.93 1.43 28.36
CA LYS B 23 -9.19 1.20 29.61
C LYS B 23 -7.89 2.00 29.55
N VAL B 24 -7.36 2.17 28.35
CA VAL B 24 -6.14 2.93 28.17
C VAL B 24 -6.48 4.41 28.04
N LEU B 25 -7.40 4.74 27.13
CA LEU B 25 -7.78 6.12 26.90
C LEU B 25 -8.33 6.85 28.13
N SER B 26 -9.18 6.16 28.91
CA SER B 26 -9.78 6.80 30.08
C SER B 26 -8.76 7.13 31.17
N LYS B 27 -7.61 6.46 31.13
CA LYS B 27 -6.57 6.68 32.13
C LYS B 27 -5.53 7.66 31.59
N GLY B 28 -5.87 8.32 30.48
CA GLY B 28 -4.96 9.27 29.88
C GLY B 28 -3.85 8.63 29.08
N GLY B 29 -3.99 7.34 28.78
CA GLY B 29 -2.97 6.63 28.01
C GLY B 29 -2.86 7.09 26.56
N LYS B 30 -1.82 6.62 25.88
CA LYS B 30 -1.58 6.98 24.48
C LYS B 30 -2.52 6.32 23.51
N ALA B 31 -2.90 7.05 22.47
CA ALA B 31 -3.80 6.50 21.47
C ALA B 31 -3.19 5.25 20.85
N LEU B 32 -1.87 5.27 20.65
CA LEU B 32 -1.19 4.13 20.04
C LEU B 32 -1.38 2.86 20.87
N ASP B 33 -1.26 2.99 22.19
CA ASP B 33 -1.44 1.83 23.05
C ASP B 33 -2.90 1.41 23.07
N ALA B 34 -3.80 2.39 23.01
CA ALA B 34 -5.22 2.10 23.04
C ALA B 34 -5.68 1.28 21.83
N VAL B 35 -5.32 1.72 20.62
CA VAL B 35 -5.74 0.97 19.44
C VAL B 35 -5.10 -0.41 19.36
N GLU B 36 -3.84 -0.53 19.80
CA GLU B 36 -3.19 -1.83 19.77
C GLU B 36 -3.92 -2.78 20.71
N LYS B 37 -4.12 -2.35 21.95
CA LYS B 37 -4.82 -3.17 22.93
C LYS B 37 -6.22 -3.52 22.45
N GLY B 38 -6.89 -2.53 21.87
CA GLY B 38 -8.24 -2.74 21.37
C GLY B 38 -8.37 -3.82 20.31
N VAL B 39 -7.54 -3.77 19.29
CA VAL B 39 -7.64 -4.76 18.23
C VAL B 39 -7.05 -6.10 18.64
N ARG B 40 -6.11 -6.11 19.59
CA ARG B 40 -5.52 -7.37 20.05
C ARG B 40 -6.61 -8.26 20.67
N LEU B 41 -7.63 -7.64 21.26
CA LEU B 41 -8.72 -8.37 21.87
C LEU B 41 -9.40 -9.26 20.82
N VAL B 42 -9.58 -8.71 19.63
CA VAL B 42 -10.21 -9.46 18.54
C VAL B 42 -9.26 -10.49 17.95
N GLU B 43 -7.99 -10.13 17.83
CA GLU B 43 -7.00 -11.06 17.30
C GLU B 43 -6.96 -12.32 18.15
N ASP B 44 -7.08 -12.14 19.47
CA ASP B 44 -7.05 -13.25 20.43
C ASP B 44 -8.30 -14.11 20.42
N ASP B 45 -9.41 -13.58 19.93
CA ASP B 45 -10.68 -14.30 19.93
C ASP B 45 -10.85 -15.34 18.83
N PRO B 46 -10.81 -16.63 19.18
CA PRO B 46 -10.96 -17.73 18.21
C PRO B 46 -12.29 -17.68 17.46
N THR B 47 -13.30 -17.06 18.06
CA THR B 47 -14.62 -16.99 17.44
C THR B 47 -14.79 -15.87 16.42
N GLU B 48 -13.81 -14.99 16.35
CA GLU B 48 -13.81 -13.90 15.37
C GLU B 48 -13.00 -14.48 14.22
N ARG B 49 -13.71 -15.04 13.25
CA ARG B 49 -13.12 -15.71 12.10
C ARG B 49 -12.51 -14.84 11.02
N SER B 50 -12.42 -13.54 11.26
CA SER B 50 -11.89 -12.64 10.24
C SER B 50 -10.70 -11.83 10.73
N VAL B 51 -10.22 -12.16 11.92
CA VAL B 51 -9.10 -11.45 12.51
C VAL B 51 -8.27 -12.39 13.37
N GLY B 52 -6.96 -12.35 13.19
CA GLY B 52 -6.06 -13.20 13.97
C GLY B 52 -6.45 -14.65 14.14
N TYR B 53 -6.26 -15.15 15.37
CA TYR B 53 -6.59 -16.53 15.73
C TYR B 53 -8.02 -16.91 15.35
N GLY B 54 -8.17 -18.05 14.67
CA GLY B 54 -9.48 -18.49 14.25
C GLY B 54 -9.85 -17.94 12.88
N GLY B 55 -8.99 -17.07 12.34
CA GLY B 55 -9.29 -16.50 11.03
C GLY B 55 -9.30 -17.56 9.95
N ARG B 56 -10.25 -17.44 9.02
CA ARG B 56 -10.33 -18.42 7.94
C ARG B 56 -9.07 -18.33 7.10
N PRO B 57 -8.49 -19.49 6.75
CA PRO B 57 -7.27 -19.57 5.95
C PRO B 57 -7.44 -19.28 4.49
N ASP B 58 -6.31 -19.20 3.79
CA ASP B 58 -6.36 -19.00 2.37
C ASP B 58 -6.83 -20.35 1.82
N ARG B 59 -7.06 -20.44 0.52
CA ARG B 59 -7.56 -21.66 -0.09
C ARG B 59 -6.66 -22.87 0.11
N ASP B 60 -5.45 -22.65 0.60
CA ASP B 60 -4.53 -23.76 0.82
C ASP B 60 -4.47 -24.21 2.28
N GLY B 61 -5.31 -23.62 3.11
CA GLY B 61 -5.34 -23.99 4.52
C GLY B 61 -4.38 -23.21 5.41
N ARG B 62 -3.76 -22.17 4.86
CA ARG B 62 -2.83 -21.35 5.63
C ARG B 62 -3.51 -20.11 6.16
N VAL B 63 -3.37 -19.85 7.45
CA VAL B 63 -3.97 -18.64 8.01
C VAL B 63 -2.89 -17.58 7.91
N THR B 64 -3.06 -16.61 7.00
CA THR B 64 -2.07 -15.57 6.88
C THR B 64 -2.71 -14.23 7.24
N LEU B 65 -2.08 -13.52 8.16
CA LEU B 65 -2.61 -12.25 8.65
C LEU B 65 -1.91 -11.00 8.15
N ASP B 66 -2.67 -9.93 8.03
CA ASP B 66 -2.17 -8.64 7.58
C ASP B 66 -2.57 -7.62 8.65
N ALA B 67 -1.69 -6.68 8.95
CA ALA B 67 -2.00 -5.66 9.92
C ALA B 67 -1.03 -4.51 9.77
N CYS B 68 -1.49 -3.31 10.13
CA CYS B 68 -0.62 -2.16 10.13
C CYS B 68 -1.07 -1.23 11.23
N ILE B 69 -0.14 -0.40 11.68
CA ILE B 69 -0.41 0.51 12.77
C ILE B 69 0.25 1.83 12.40
N MET B 70 -0.34 2.93 12.86
CA MET B 70 0.21 4.24 12.57
C MET B 70 -0.02 5.10 13.79
N ASP B 71 1.00 5.83 14.21
CA ASP B 71 0.85 6.66 15.39
C ASP B 71 0.60 8.12 15.01
N GLU B 72 0.77 9.00 15.98
CA GLU B 72 0.49 10.42 15.76
C GLU B 72 1.59 11.24 15.07
N ASN B 73 2.66 10.60 14.64
CA ASN B 73 3.75 11.33 13.99
C ASN B 73 4.32 10.59 12.77
N TYR B 74 3.41 10.10 11.94
CA TYR B 74 3.76 9.37 10.73
C TYR B 74 4.67 8.16 10.89
N ASN B 75 4.69 7.58 12.09
CA ASN B 75 5.49 6.38 12.28
C ASN B 75 4.52 5.30 11.87
N ILE B 76 5.02 4.31 11.14
CA ILE B 76 4.15 3.26 10.66
C ILE B 76 4.82 1.90 10.73
N GLY B 77 3.98 0.88 10.89
CA GLY B 77 4.47 -0.47 10.94
C GLY B 77 3.45 -1.36 10.26
N SER B 78 3.93 -2.34 9.52
CA SER B 78 3.04 -3.23 8.80
C SER B 78 3.60 -4.62 8.58
N VAL B 79 2.71 -5.60 8.66
CA VAL B 79 3.09 -6.99 8.37
C VAL B 79 1.98 -7.51 7.48
N ALA B 80 2.34 -8.30 6.47
CA ALA B 80 1.33 -8.84 5.59
C ALA B 80 1.66 -10.29 5.28
N CYS B 81 0.60 -11.09 5.17
CA CYS B 81 0.74 -12.51 4.87
C CYS B 81 1.71 -13.17 5.84
N MET B 82 1.49 -12.94 7.13
CA MET B 82 2.33 -13.54 8.16
C MET B 82 1.54 -14.68 8.82
N GLU B 83 2.22 -15.80 9.07
CA GLU B 83 1.58 -16.96 9.69
C GLU B 83 2.12 -17.23 11.09
N HIS B 84 1.36 -18.01 11.85
CA HIS B 84 1.75 -18.46 13.18
C HIS B 84 1.92 -17.47 14.33
N ILE B 85 1.57 -16.20 14.11
CA ILE B 85 1.66 -15.19 15.15
C ILE B 85 0.24 -14.69 15.35
N LYS B 86 -0.27 -14.85 16.57
CA LYS B 86 -1.64 -14.46 16.88
C LYS B 86 -1.89 -12.96 16.87
N ASN B 87 -0.85 -12.17 17.12
CA ASN B 87 -1.04 -10.73 17.17
C ASN B 87 -0.24 -9.94 16.18
N PRO B 88 -0.67 -9.97 14.90
CA PRO B 88 0.08 -9.22 13.90
C PRO B 88 0.14 -7.71 14.16
N ILE B 89 -0.87 -7.13 14.81
CA ILE B 89 -0.84 -5.70 15.05
C ILE B 89 0.38 -5.37 15.92
N SER B 90 0.72 -6.26 16.84
CA SER B 90 1.87 -6.02 17.71
C SER B 90 3.20 -6.21 16.99
N VAL B 91 3.24 -7.14 16.03
CA VAL B 91 4.47 -7.34 15.27
C VAL B 91 4.62 -6.11 14.39
N ALA B 92 3.48 -5.62 13.87
CA ALA B 92 3.51 -4.42 13.05
C ALA B 92 4.12 -3.29 13.86
N ARG B 93 3.68 -3.14 15.11
CA ARG B 93 4.23 -2.08 15.96
C ARG B 93 5.73 -2.27 16.16
N ALA B 94 6.17 -3.53 16.22
CA ALA B 94 7.59 -3.82 16.38
C ALA B 94 8.34 -3.44 15.09
N VAL B 95 7.71 -3.66 13.94
CA VAL B 95 8.34 -3.32 12.68
C VAL B 95 8.57 -1.82 12.70
N MET B 96 7.56 -1.08 13.13
CA MET B 96 7.63 0.37 13.23
C MET B 96 8.69 0.88 14.21
N GLU B 97 8.71 0.32 15.41
CA GLU B 97 9.65 0.78 16.43
C GLU B 97 11.05 0.17 16.44
N LYS B 98 11.20 -1.02 15.88
CA LYS B 98 12.49 -1.69 15.95
C LYS B 98 13.29 -1.91 14.66
N THR B 99 12.76 -1.49 13.52
CA THR B 99 13.47 -1.70 12.27
C THR B 99 13.54 -0.46 11.42
N PRO B 100 14.41 -0.49 10.40
CA PRO B 100 14.60 0.62 9.47
C PRO B 100 13.50 0.57 8.39
N HIS B 101 12.65 -0.45 8.48
CA HIS B 101 11.59 -0.64 7.49
C HIS B 101 10.20 -0.37 8.05
N VAL B 102 9.20 -0.35 7.18
CA VAL B 102 7.83 -0.12 7.66
C VAL B 102 6.91 -1.27 7.27
N MET B 103 7.41 -2.18 6.45
CA MET B 103 6.60 -3.31 6.03
C MET B 103 7.40 -4.57 5.79
N LEU B 104 6.99 -5.66 6.44
CA LEU B 104 7.63 -6.96 6.28
C LEU B 104 6.52 -7.94 5.93
N VAL B 105 6.80 -8.86 5.02
CA VAL B 105 5.79 -9.82 4.63
C VAL B 105 6.31 -11.25 4.66
N GLY B 106 5.39 -12.20 4.74
CA GLY B 106 5.72 -13.62 4.73
C GLY B 106 6.71 -14.14 5.73
N ASP B 107 7.56 -15.05 5.28
CA ASP B 107 8.58 -15.66 6.13
C ASP B 107 9.40 -14.62 6.88
N GLY B 108 9.77 -13.55 6.19
CA GLY B 108 10.54 -12.49 6.82
C GLY B 108 9.83 -11.84 8.00
N ALA B 109 8.52 -11.65 7.87
CA ALA B 109 7.75 -11.05 8.96
C ALA B 109 7.76 -12.01 10.15
N LEU B 110 7.55 -13.30 9.89
CA LEU B 110 7.53 -14.30 10.95
C LEU B 110 8.89 -14.36 11.65
N GLU B 111 9.96 -14.45 10.86
CA GLU B 111 11.29 -14.52 11.44
C GLU B 111 11.53 -13.31 12.35
N PHE B 112 11.10 -12.14 11.91
CA PHE B 112 11.26 -10.94 12.71
C PHE B 112 10.44 -11.05 14.00
N ALA B 113 9.19 -11.49 13.87
CA ALA B 113 8.31 -11.64 15.00
C ALA B 113 8.95 -12.53 16.05
N LEU B 114 9.48 -13.68 15.62
CA LEU B 114 10.13 -14.62 16.54
C LEU B 114 11.35 -14.01 17.19
N SER B 115 12.08 -13.18 16.45
CA SER B 115 13.27 -12.53 16.99
C SER B 115 12.87 -11.51 18.06
N GLN B 116 11.63 -11.05 18.01
CA GLN B 116 11.14 -10.07 18.96
C GLN B 116 10.40 -10.69 20.14
N GLY B 117 10.47 -12.02 20.26
CA GLY B 117 9.84 -12.70 21.37
C GLY B 117 8.43 -13.21 21.15
N PHE B 118 7.85 -12.97 19.97
CA PHE B 118 6.50 -13.45 19.73
C PHE B 118 6.54 -14.96 19.64
N LYS B 119 5.47 -15.61 20.09
CA LYS B 119 5.43 -17.07 20.07
C LYS B 119 4.67 -17.64 18.89
N LYS B 120 5.27 -18.63 18.25
CA LYS B 120 4.70 -19.31 17.12
C LYS B 120 3.58 -20.18 17.66
N GLU B 121 2.40 -20.08 17.06
CA GLU B 121 1.24 -20.85 17.50
C GLU B 121 0.45 -21.28 16.29
N ASN B 122 -0.41 -22.28 16.45
CA ASN B 122 -1.22 -22.76 15.35
C ASN B 122 -2.50 -21.92 15.32
N LEU B 123 -2.64 -21.09 14.30
CA LEU B 123 -3.81 -20.22 14.20
C LEU B 123 -5.01 -20.87 13.52
N LEU B 124 -4.81 -22.03 12.92
CA LEU B 124 -5.91 -22.72 12.26
C LEU B 124 -6.67 -23.54 13.30
N THR B 125 -7.85 -23.07 13.67
CA THR B 125 -8.64 -23.78 14.67
C THR B 125 -9.28 -25.00 14.04
N ALA B 126 -9.86 -25.87 14.85
CA ALA B 126 -10.50 -27.07 14.32
C ALA B 126 -11.65 -26.65 13.42
N GLU B 127 -12.41 -25.65 13.87
CA GLU B 127 -13.54 -25.14 13.12
C GLU B 127 -13.13 -24.61 11.75
N SER B 128 -12.08 -23.79 11.71
CA SER B 128 -11.60 -23.24 10.45
C SER B 128 -11.09 -24.34 9.53
N GLU B 129 -10.42 -25.33 10.09
CA GLU B 129 -9.89 -26.42 9.27
C GLU B 129 -11.06 -27.20 8.67
N LYS B 130 -12.06 -27.46 9.51
CA LYS B 130 -13.25 -28.18 9.09
C LYS B 130 -13.95 -27.45 7.93
N GLU B 131 -14.26 -26.17 8.14
CA GLU B 131 -14.91 -25.36 7.11
C GLU B 131 -14.09 -25.31 5.84
N TRP B 132 -12.77 -25.19 5.99
CA TRP B 132 -11.89 -25.13 4.83
C TRP B 132 -11.97 -26.40 3.97
N LYS B 133 -11.77 -27.56 4.60
CA LYS B 133 -11.84 -28.81 3.86
C LYS B 133 -13.21 -28.94 3.19
N GLU B 134 -14.24 -28.43 3.86
CA GLU B 134 -15.59 -28.47 3.31
C GLU B 134 -15.69 -27.56 2.09
N TRP B 135 -15.09 -26.38 2.18
CA TRP B 135 -15.10 -25.41 1.09
C TRP B 135 -14.34 -25.98 -0.12
N LEU B 136 -13.30 -26.76 0.15
CA LEU B 136 -12.49 -27.36 -0.90
C LEU B 136 -13.27 -28.22 -1.87
N LYS B 137 -14.38 -28.79 -1.39
CA LYS B 137 -15.22 -29.64 -2.21
C LYS B 137 -15.51 -29.03 -3.59
N THR B 138 -15.85 -27.74 -3.61
CA THR B 138 -16.15 -27.07 -4.85
C THR B 138 -15.26 -25.85 -5.11
N SER B 139 -14.46 -25.49 -4.12
CA SER B 139 -13.52 -24.36 -4.22
C SER B 139 -14.11 -23.13 -4.91
N GLN B 140 -15.33 -22.77 -4.54
CA GLN B 140 -15.97 -21.60 -5.13
C GLN B 140 -15.64 -20.34 -4.34
N TYR B 141 -14.73 -19.54 -4.86
CA TYR B 141 -14.31 -18.31 -4.18
C TYR B 141 -15.33 -17.19 -4.39
N LYS B 142 -16.04 -16.83 -3.31
CA LYS B 142 -17.05 -15.78 -3.37
C LYS B 142 -17.11 -15.01 -2.06
N PRO B 143 -16.08 -14.18 -1.79
CA PRO B 143 -16.00 -13.38 -0.56
C PRO B 143 -17.20 -12.48 -0.33
N ILE B 144 -17.87 -12.71 0.78
CA ILE B 144 -19.03 -11.91 1.14
C ILE B 144 -18.65 -11.08 2.36
N VAL B 145 -19.05 -9.81 2.35
CA VAL B 145 -18.79 -8.91 3.48
C VAL B 145 -20.12 -8.35 3.94
N ASN B 146 -20.59 -8.84 5.08
CA ASN B 146 -21.83 -8.37 5.65
C ASN B 146 -21.74 -8.43 7.16
N ILE B 147 -22.85 -8.14 7.83
CA ILE B 147 -22.88 -8.14 9.29
C ILE B 147 -22.25 -9.41 9.86
N GLU B 148 -22.45 -10.54 9.19
CA GLU B 148 -21.91 -11.82 9.67
C GLU B 148 -20.73 -12.39 8.90
N ASN B 149 -20.13 -11.61 8.01
CA ASN B 149 -19.00 -12.10 7.23
C ASN B 149 -17.85 -11.12 6.97
N HIS B 150 -16.63 -11.65 7.00
CA HIS B 150 -15.40 -10.88 6.77
C HIS B 150 -15.34 -9.55 7.49
N ASN B 151 -15.57 -9.60 8.80
CA ASN B 151 -15.53 -8.41 9.62
C ASN B 151 -14.11 -8.13 10.11
N THR B 152 -13.33 -7.40 9.30
CA THR B 152 -11.97 -7.02 9.67
C THR B 152 -12.11 -5.90 10.70
N ILE B 153 -11.20 -5.79 11.65
CA ILE B 153 -11.32 -4.68 12.59
C ILE B 153 -10.29 -3.58 12.38
N GLY B 154 -10.80 -2.37 12.21
CA GLY B 154 -9.96 -1.20 12.05
C GLY B 154 -10.36 -0.35 13.24
N MET B 155 -9.40 0.30 13.89
CA MET B 155 -9.70 1.13 15.05
C MET B 155 -8.86 2.38 15.03
N ILE B 156 -9.50 3.51 15.31
CA ILE B 156 -8.81 4.78 15.34
C ILE B 156 -9.22 5.51 16.61
N ALA B 157 -8.28 6.23 17.20
CA ALA B 157 -8.58 6.93 18.44
C ALA B 157 -7.85 8.25 18.57
N LEU B 158 -8.45 9.14 19.35
CA LEU B 158 -7.89 10.46 19.64
C LEU B 158 -7.77 10.42 21.16
N ASP B 159 -6.55 10.53 21.69
CA ASP B 159 -6.39 10.45 23.14
C ASP B 159 -6.53 11.78 23.89
N ALA B 160 -6.36 11.73 25.20
CA ALA B 160 -6.49 12.91 26.04
C ALA B 160 -5.50 14.02 25.66
N GLN B 161 -4.36 13.64 25.10
CA GLN B 161 -3.35 14.61 24.68
C GLN B 161 -3.73 15.21 23.34
N GLY B 162 -4.79 14.67 22.74
CA GLY B 162 -5.20 15.16 21.45
C GLY B 162 -4.41 14.54 20.32
N ASN B 163 -3.85 13.35 20.54
CA ASN B 163 -3.08 12.67 19.50
C ASN B 163 -3.88 11.53 18.91
N LEU B 164 -3.72 11.34 17.61
CA LEU B 164 -4.42 10.28 16.89
C LEU B 164 -3.52 9.09 16.61
N SER B 165 -4.13 7.92 16.53
CA SER B 165 -3.40 6.71 16.18
C SER B 165 -4.42 5.72 15.65
N GLY B 166 -3.97 4.74 14.89
CA GLY B 166 -4.89 3.77 14.34
C GLY B 166 -4.26 2.42 14.16
N ALA B 167 -5.10 1.40 14.08
CA ALA B 167 -4.63 0.04 13.90
C ALA B 167 -5.65 -0.70 13.04
N CYS B 168 -5.17 -1.61 12.20
CA CYS B 168 -6.04 -2.39 11.34
C CYS B 168 -5.46 -3.80 11.29
N THR B 169 -6.29 -4.81 11.55
CA THR B 169 -5.81 -6.18 11.54
C THR B 169 -6.87 -7.10 10.97
N THR B 170 -6.44 -8.06 10.16
CA THR B 170 -7.38 -8.97 9.50
C THR B 170 -6.74 -10.31 9.16
N SER B 171 -7.57 -11.28 8.80
CA SER B 171 -7.06 -12.58 8.39
C SER B 171 -7.29 -12.60 6.87
N GLY B 172 -7.83 -11.50 6.36
CA GLY B 172 -8.06 -11.38 4.94
C GLY B 172 -9.27 -12.16 4.45
N MET B 173 -9.50 -12.12 3.14
CA MET B 173 -10.62 -12.81 2.54
C MET B 173 -10.47 -14.33 2.71
N ALA B 174 -11.52 -14.98 3.19
CA ALA B 174 -11.47 -16.41 3.39
C ALA B 174 -11.24 -17.11 2.05
N TYR B 175 -10.32 -18.08 2.06
CA TYR B 175 -10.03 -18.87 0.86
C TYR B 175 -9.45 -18.04 -0.28
N LYS B 176 -8.73 -16.99 0.09
CA LYS B 176 -8.07 -16.12 -0.85
C LYS B 176 -6.91 -16.94 -1.45
N MET B 177 -6.35 -16.48 -2.56
CA MET B 177 -5.21 -17.18 -3.15
C MET B 177 -4.07 -17.05 -2.15
N HIS B 178 -3.24 -18.08 -2.10
CA HIS B 178 -2.09 -18.07 -1.22
C HIS B 178 -1.30 -16.79 -1.49
N GLY B 179 -0.93 -16.07 -0.44
CA GLY B 179 -0.16 -14.86 -0.63
C GLY B 179 -0.96 -13.60 -0.95
N ARG B 180 -2.27 -13.72 -1.05
CA ARG B 180 -3.08 -12.54 -1.34
C ARG B 180 -3.04 -11.58 -0.15
N VAL B 181 -2.86 -10.30 -0.46
CA VAL B 181 -2.82 -9.26 0.55
C VAL B 181 -3.88 -8.23 0.21
N GLY B 182 -4.64 -7.80 1.21
CA GLY B 182 -5.68 -6.80 1.02
C GLY B 182 -5.21 -5.42 1.45
N ASP B 183 -6.15 -4.56 1.81
CA ASP B 183 -5.87 -3.19 2.22
C ASP B 183 -5.41 -3.02 3.67
N SER B 184 -5.78 -3.96 4.53
CA SER B 184 -5.48 -3.84 5.94
C SER B 184 -4.07 -3.52 6.39
N PRO B 185 -3.04 -3.99 5.67
CA PRO B 185 -1.68 -3.68 6.12
C PRO B 185 -1.02 -2.58 5.29
N ILE B 186 -1.79 -1.98 4.40
CA ILE B 186 -1.26 -0.93 3.54
C ILE B 186 -1.63 0.47 4.00
N ILE B 187 -0.62 1.24 4.37
CA ILE B 187 -0.83 2.61 4.84
C ILE B 187 -1.41 3.43 3.69
N GLY B 188 -2.52 4.12 3.96
CA GLY B 188 -3.15 4.91 2.91
C GLY B 188 -4.33 4.14 2.34
N ALA B 189 -4.31 2.82 2.50
CA ALA B 189 -5.40 1.99 2.01
C ALA B 189 -6.28 1.65 3.21
N GLY B 190 -5.93 0.61 3.95
CA GLY B 190 -6.74 0.22 5.10
C GLY B 190 -6.65 1.18 6.27
N LEU B 191 -5.61 2.00 6.31
CA LEU B 191 -5.45 2.91 7.44
C LEU B 191 -4.56 4.10 7.14
N PHE B 192 -4.95 5.26 7.66
CA PHE B 192 -4.12 6.45 7.50
C PHE B 192 -4.40 7.40 8.65
N VAL B 193 -3.32 7.95 9.19
CA VAL B 193 -3.42 8.88 10.31
C VAL B 193 -2.52 10.09 10.10
N ASP B 194 -3.08 11.28 10.19
CA ASP B 194 -2.29 12.49 10.10
C ASP B 194 -2.75 13.31 11.31
N ASN B 195 -1.86 13.46 12.28
CA ASN B 195 -2.20 14.16 13.51
C ASN B 195 -2.66 15.61 13.37
N GLU B 196 -2.40 16.24 12.23
CA GLU B 196 -2.83 17.62 12.02
C GLU B 196 -4.17 17.67 11.28
N ILE B 197 -4.72 16.51 10.95
CA ILE B 197 -5.97 16.45 10.21
C ILE B 197 -7.02 15.50 10.78
N GLY B 198 -6.69 14.21 10.76
CA GLY B 198 -7.61 13.22 11.26
C GLY B 198 -7.09 11.84 10.92
N ALA B 199 -7.91 10.83 11.15
CA ALA B 199 -7.54 9.46 10.87
C ALA B 199 -8.73 8.75 10.28
N ALA B 200 -8.46 7.68 9.56
CA ALA B 200 -9.52 6.91 8.95
C ALA B 200 -9.03 5.48 8.78
N THR B 201 -9.95 4.54 8.85
CA THR B 201 -9.60 3.16 8.66
C THR B 201 -10.74 2.54 7.87
N ALA B 202 -10.45 1.44 7.19
CA ALA B 202 -11.43 0.81 6.34
C ALA B 202 -11.65 -0.66 6.64
N THR B 203 -12.71 -1.20 6.05
CA THR B 203 -13.05 -2.60 6.19
C THR B 203 -13.85 -3.00 4.95
N GLY B 204 -13.95 -4.31 4.68
CA GLY B 204 -14.69 -4.76 3.52
C GLY B 204 -13.83 -5.39 2.44
N HIS B 205 -14.24 -5.23 1.17
CA HIS B 205 -13.46 -5.81 0.08
C HIS B 205 -12.18 -5.00 -0.14
N GLY B 206 -11.10 -5.50 0.44
CA GLY B 206 -9.80 -4.83 0.38
C GLY B 206 -9.31 -4.37 -0.97
N GLU B 207 -9.51 -5.20 -1.98
CA GLU B 207 -9.09 -4.85 -3.33
C GLU B 207 -9.58 -3.47 -3.75
N GLU B 208 -10.82 -3.16 -3.38
CA GLU B 208 -11.43 -1.89 -3.73
C GLU B 208 -10.89 -0.70 -2.94
N VAL B 209 -10.45 -0.96 -1.72
CA VAL B 209 -9.88 0.09 -0.88
C VAL B 209 -8.46 0.38 -1.35
N ILE B 210 -7.75 -0.66 -1.80
CA ILE B 210 -6.40 -0.49 -2.32
C ILE B 210 -6.48 0.32 -3.61
N ARG B 211 -7.43 -0.06 -4.46
CA ARG B 211 -7.66 0.57 -5.74
C ARG B 211 -7.89 2.07 -5.65
N THR B 212 -8.55 2.50 -4.57
CA THR B 212 -8.84 3.92 -4.40
C THR B 212 -8.00 4.59 -3.31
N VAL B 213 -7.05 3.86 -2.74
CA VAL B 213 -6.19 4.39 -1.67
C VAL B 213 -7.14 5.08 -0.68
N GLY B 214 -8.21 4.37 -0.37
CA GLY B 214 -9.28 4.83 0.50
C GLY B 214 -9.05 5.76 1.69
N THR B 215 -8.32 5.30 2.69
CA THR B 215 -8.13 6.11 3.87
C THR B 215 -7.29 7.36 3.65
N HIS B 216 -6.33 7.29 2.73
CA HIS B 216 -5.56 8.49 2.46
C HIS B 216 -6.53 9.52 1.84
N LEU B 217 -7.41 9.04 0.98
CA LEU B 217 -8.39 9.93 0.34
C LEU B 217 -9.30 10.55 1.40
N VAL B 218 -9.78 9.75 2.33
CA VAL B 218 -10.67 10.26 3.38
C VAL B 218 -9.99 11.36 4.20
N VAL B 219 -8.75 11.10 4.60
CA VAL B 219 -8.02 12.07 5.39
C VAL B 219 -7.72 13.32 4.55
N GLU B 220 -7.40 13.14 3.28
CA GLU B 220 -7.11 14.28 2.43
C GLU B 220 -8.41 15.11 2.23
N LEU B 221 -9.55 14.44 2.18
CA LEU B 221 -10.81 15.17 2.03
C LEU B 221 -11.07 15.96 3.29
N MET B 222 -10.75 15.37 4.45
CA MET B 222 -10.91 16.10 5.70
C MET B 222 -9.91 17.27 5.70
N ASN B 223 -8.74 17.04 5.09
CA ASN B 223 -7.73 18.10 5.02
C ASN B 223 -8.31 19.25 4.21
N GLN B 224 -9.14 18.91 3.22
CA GLN B 224 -9.79 19.90 2.36
C GLN B 224 -11.03 20.55 2.99
N GLY B 225 -11.37 20.14 4.21
CA GLY B 225 -12.51 20.72 4.88
C GLY B 225 -13.75 19.86 5.03
N ARG B 226 -13.76 18.67 4.46
CA ARG B 226 -14.90 17.79 4.59
C ARG B 226 -15.03 17.32 6.03
N THR B 227 -16.25 17.13 6.50
CA THR B 227 -16.45 16.63 7.85
C THR B 227 -16.04 15.16 7.77
N PRO B 228 -15.78 14.53 8.92
CA PRO B 228 -15.40 13.12 8.83
C PRO B 228 -16.44 12.29 8.08
N GLN B 229 -17.71 12.52 8.37
CA GLN B 229 -18.79 11.77 7.71
C GLN B 229 -18.79 12.00 6.21
N GLN B 230 -18.68 13.28 5.83
CA GLN B 230 -18.69 13.66 4.42
C GLN B 230 -17.47 13.09 3.68
N ALA B 231 -16.32 13.10 4.35
CA ALA B 231 -15.09 12.58 3.77
C ALA B 231 -15.27 11.10 3.47
N CYS B 232 -15.85 10.36 4.41
CA CYS B 232 -16.10 8.94 4.22
C CYS B 232 -17.11 8.74 3.08
N LYS B 233 -18.16 9.54 3.08
CA LYS B 233 -19.18 9.42 2.06
C LYS B 233 -18.59 9.56 0.66
N GLU B 234 -17.82 10.61 0.43
CA GLU B 234 -17.22 10.84 -0.87
C GLU B 234 -16.25 9.73 -1.30
N ALA B 235 -15.53 9.16 -0.35
CA ALA B 235 -14.60 8.07 -0.65
C ALA B 235 -15.40 6.85 -1.09
N VAL B 236 -16.54 6.62 -0.46
CA VAL B 236 -17.41 5.51 -0.83
C VAL B 236 -17.93 5.75 -2.24
N GLU B 237 -18.34 6.98 -2.49
CA GLU B 237 -18.89 7.34 -3.80
C GLU B 237 -17.84 7.19 -4.89
N ARG B 238 -16.59 7.43 -4.56
CA ARG B 238 -15.50 7.30 -5.53
C ARG B 238 -15.40 5.82 -5.89
N ILE B 239 -15.56 4.95 -4.89
CA ILE B 239 -15.52 3.52 -5.16
C ILE B 239 -16.73 3.14 -6.00
N VAL B 240 -17.89 3.69 -5.68
CA VAL B 240 -19.11 3.39 -6.44
C VAL B 240 -18.87 3.74 -7.92
N LYS B 241 -18.31 4.91 -8.16
CA LYS B 241 -18.03 5.36 -9.54
C LYS B 241 -17.09 4.40 -10.26
N ILE B 242 -16.01 4.03 -9.60
CA ILE B 242 -15.01 3.13 -10.17
C ILE B 242 -15.57 1.72 -10.42
N VAL B 243 -16.39 1.25 -9.50
CA VAL B 243 -17.01 -0.06 -9.67
C VAL B 243 -17.82 0.00 -10.97
N ASN B 244 -18.56 1.08 -11.14
CA ASN B 244 -19.36 1.27 -12.35
C ASN B 244 -18.47 1.33 -13.58
N ARG B 245 -17.42 2.13 -13.52
CA ARG B 245 -16.52 2.28 -14.66
C ARG B 245 -15.82 0.98 -15.03
N ARG B 246 -15.65 0.09 -14.05
CA ARG B 246 -15.00 -1.20 -14.31
C ARG B 246 -16.00 -2.26 -14.75
N GLY B 247 -17.26 -1.85 -14.90
CA GLY B 247 -18.29 -2.79 -15.33
C GLY B 247 -18.62 -3.87 -14.32
N LYS B 248 -18.47 -3.56 -13.03
CA LYS B 248 -18.78 -4.52 -12.00
C LYS B 248 -20.12 -4.16 -11.36
N ASN B 249 -20.65 -5.06 -10.55
CA ASN B 249 -21.93 -4.82 -9.89
C ASN B 249 -21.71 -4.46 -8.43
N LEU B 250 -22.17 -3.27 -8.04
CA LEU B 250 -22.01 -2.78 -6.68
C LEU B 250 -22.54 -3.71 -5.59
N LYS B 251 -23.51 -4.57 -5.93
CA LYS B 251 -24.07 -5.48 -4.94
C LYS B 251 -23.03 -6.47 -4.44
N ASP B 252 -22.00 -6.72 -5.24
CA ASP B 252 -20.96 -7.66 -4.84
C ASP B 252 -19.88 -7.03 -4.00
N ILE B 253 -20.00 -5.73 -3.76
CA ILE B 253 -18.98 -5.00 -3.00
C ILE B 253 -19.44 -4.33 -1.73
N GLN B 254 -18.68 -4.48 -0.65
CA GLN B 254 -18.98 -3.81 0.61
C GLN B 254 -17.70 -3.21 1.16
N VAL B 255 -17.76 -1.93 1.45
CA VAL B 255 -16.64 -1.22 2.03
C VAL B 255 -17.23 -0.20 2.97
N GLY B 256 -16.57 -0.05 4.12
CA GLY B 256 -17.01 0.93 5.08
C GLY B 256 -15.80 1.72 5.53
N PHE B 257 -15.96 3.02 5.73
CA PHE B 257 -14.88 3.85 6.24
C PHE B 257 -15.41 4.50 7.51
N ILE B 258 -14.54 4.67 8.50
CA ILE B 258 -14.92 5.39 9.71
C ILE B 258 -13.79 6.40 9.81
N ALA B 259 -14.11 7.61 10.26
CA ALA B 259 -13.11 8.64 10.35
C ALA B 259 -13.27 9.50 11.57
N LEU B 260 -12.18 10.14 11.94
CA LEU B 260 -12.12 10.97 13.13
C LEU B 260 -11.22 12.16 12.80
N ASN B 261 -11.59 13.37 13.20
CA ASN B 261 -10.69 14.49 12.95
C ASN B 261 -10.07 14.93 14.27
N LYS B 262 -9.19 15.94 14.20
CA LYS B 262 -8.47 16.43 15.37
C LYS B 262 -9.36 16.97 16.50
N LYS B 263 -10.58 17.38 16.17
CA LYS B 263 -11.50 17.90 17.19
C LYS B 263 -12.34 16.79 17.82
N GLY B 264 -12.11 15.56 17.40
CA GLY B 264 -12.86 14.47 17.96
C GLY B 264 -14.19 14.23 17.28
N GLU B 265 -14.44 14.92 16.17
CA GLU B 265 -15.67 14.72 15.42
C GLU B 265 -15.45 13.43 14.66
N TYR B 266 -16.52 12.70 14.39
CA TYR B 266 -16.35 11.43 13.71
C TYR B 266 -17.45 11.18 12.71
N GLY B 267 -17.23 10.17 11.88
CA GLY B 267 -18.23 9.85 10.88
C GLY B 267 -17.91 8.54 10.22
N ALA B 268 -18.81 8.12 9.36
CA ALA B 268 -18.65 6.87 8.65
C ALA B 268 -19.61 6.82 7.49
N TYR B 269 -19.34 5.92 6.55
CA TYR B 269 -20.21 5.73 5.41
C TYR B 269 -19.79 4.39 4.82
N CYS B 270 -20.72 3.72 4.14
CA CYS B 270 -20.40 2.43 3.55
C CYS B 270 -21.18 2.25 2.24
N ILE B 271 -20.86 1.19 1.52
CA ILE B 271 -21.52 0.94 0.25
C ILE B 271 -22.91 0.35 0.46
N GLN B 272 -22.98 -0.68 1.30
CA GLN B 272 -24.24 -1.36 1.56
C GLN B 272 -24.69 -1.30 3.01
N ASP B 273 -26.01 -1.21 3.20
CA ASP B 273 -26.59 -1.14 4.54
C ASP B 273 -26.13 -2.37 5.31
N GLY B 274 -26.25 -2.32 6.63
CA GLY B 274 -25.83 -3.46 7.44
C GLY B 274 -24.50 -3.27 8.13
N PHE B 275 -23.78 -2.21 7.80
CA PHE B 275 -22.51 -1.93 8.44
C PHE B 275 -22.69 -0.99 9.61
N ASN B 276 -22.13 -1.35 10.76
CA ASN B 276 -22.20 -0.48 11.93
C ASN B 276 -20.77 -0.28 12.39
N PHE B 277 -20.57 0.70 13.26
CA PHE B 277 -19.27 0.93 13.85
C PHE B 277 -19.55 1.29 15.31
N ALA B 278 -18.58 1.06 16.17
CA ALA B 278 -18.74 1.35 17.58
C ALA B 278 -17.95 2.61 17.89
N VAL B 279 -18.55 3.49 18.68
CA VAL B 279 -17.89 4.73 19.04
C VAL B 279 -17.93 4.89 20.55
N HIS B 280 -16.77 5.13 21.15
CA HIS B 280 -16.71 5.29 22.60
C HIS B 280 -16.06 6.62 22.96
N ASP B 281 -16.77 7.47 23.68
CA ASP B 281 -16.21 8.73 24.13
C ASP B 281 -16.62 8.90 25.60
N GLN B 282 -16.40 10.07 26.18
CA GLN B 282 -16.74 10.25 27.59
C GLN B 282 -18.23 10.07 27.91
N LYS B 283 -19.07 10.09 26.88
CA LYS B 283 -20.51 9.90 27.06
C LYS B 283 -20.87 8.43 27.10
N GLY B 284 -19.98 7.59 26.60
CA GLY B 284 -20.27 6.17 26.62
C GLY B 284 -19.89 5.49 25.33
N ASN B 285 -20.22 4.21 25.25
CA ASN B 285 -19.91 3.40 24.10
C ASN B 285 -21.21 3.11 23.37
N ARG B 286 -21.22 3.33 22.06
CA ARG B 286 -22.44 3.08 21.31
C ARG B 286 -22.22 2.52 19.92
N LEU B 287 -23.19 1.73 19.50
CA LEU B 287 -23.18 1.11 18.20
C LEU B 287 -23.98 2.06 17.31
N GLU B 288 -23.35 2.53 16.23
CA GLU B 288 -24.02 3.44 15.31
C GLU B 288 -24.00 2.92 13.87
N THR B 289 -24.97 3.37 13.06
CA THR B 289 -25.11 2.91 11.68
C THR B 289 -25.02 4.10 10.75
N PRO B 290 -24.00 4.14 9.89
CA PRO B 290 -23.85 5.26 8.96
C PRO B 290 -24.76 5.09 7.75
N GLY B 291 -24.75 6.10 6.88
CA GLY B 291 -25.55 6.03 5.68
C GLY B 291 -24.85 5.10 4.72
N PHE B 292 -25.53 4.70 3.67
CA PHE B 292 -24.94 3.80 2.68
C PHE B 292 -25.32 4.25 1.28
N ALA B 293 -24.45 3.97 0.33
CA ALA B 293 -24.64 4.38 -1.07
C ALA B 293 -25.63 3.53 -1.85
N LEU B 294 -25.57 2.22 -1.69
CA LEU B 294 -26.45 1.32 -2.44
C LEU B 294 -27.87 1.33 -1.89
N LYS B 295 -28.72 2.13 -2.51
CA LYS B 295 -30.11 2.25 -2.09
C LYS B 295 -31.06 1.64 -3.11
N GLY C . 11.73 2.70 -4.03
CA GLY C . 12.09 1.26 -4.07
C GLY C . 12.16 0.67 -2.68
O GLY C . 12.03 -0.55 -2.55
OXT GLY C . 12.35 1.46 -1.72
N GLY D . -10.43 -5.55 4.31
CA GLY D . -9.65 -6.76 4.69
C GLY D . -9.15 -7.46 3.45
O GLY D . -8.15 -8.22 3.56
OXT GLY D . -9.73 -7.25 2.36
#